data_8C2G
#
_entry.id   8C2G
#
_cell.length_a   82.155
_cell.length_b   111.817
_cell.length_c   62.682
_cell.angle_alpha   90.000
_cell.angle_beta   90.000
_cell.angle_gamma   90.000
#
_symmetry.space_group_name_H-M   'C 2 2 21'
#
loop_
_entity.id
_entity.type
_entity.pdbx_description
1 polymer '14-3-3 protein sigma'
2 polymer 'Peptidyl-prolyl cis-trans isomerase NIMA-interacting 1'
3 non-polymer 2-iodanyl-4-(2-phenylimidazol-1-yl)benzaldehyde
4 non-polymer 'MAGNESIUM ION'
5 water water
#
loop_
_entity_poly.entity_id
_entity_poly.type
_entity_poly.pdbx_seq_one_letter_code
_entity_poly.pdbx_strand_id
1 'polypeptide(L)'
;GAMGSMERASLIQKAKLAEQAERYEDMAAFMKGAVEKGEELS(CSO)EERNLLSVAYKNVVGGQRAAWRVLSSIEQKSNE
EGSEEKGPEVREYREKVETELQGVCDTVLGLLDSHLIKEAGDAESRVFYLKMKGDYYRYLAEVATGDDKKRIIDSARSAY
QEAMDISKKEMPPTNPIRLGLALNFSVFHYEIANSPEEAISLAKTTFDEAMADLHTLSEDSYKDSTLIMQLLRDNLTLWT
;
A
2 'polypeptide(L)' LVKHSQSRRPS(SEP)WRQEK P
#
loop_
_chem_comp.id
_chem_comp.type
_chem_comp.name
_chem_comp.formula
MG non-polymer 'MAGNESIUM ION' 'Mg 2'
T85 non-polymer 2-iodanyl-4-(2-phenylimidazol-1-yl)benzaldehyde 'C16 H11 I N2 O'
#
# COMPACT_ATOMS: atom_id res chain seq x y z
N ALA A 2 20.70 -9.99 6.37
CA ALA A 2 20.94 -10.79 7.59
C ALA A 2 20.25 -12.15 7.51
N MET A 3 19.35 -12.36 6.53
CA MET A 3 18.52 -13.56 6.47
C MET A 3 19.02 -14.53 5.40
N GLY A 4 20.18 -14.24 4.83
CA GLY A 4 20.73 -15.04 3.75
C GLY A 4 20.94 -16.53 4.07
N SER A 5 21.18 -16.82 5.36
N SER A 5 21.15 -16.82 5.35
CA SER A 5 21.44 -18.18 5.76
CA SER A 5 21.43 -18.19 5.76
C SER A 5 20.19 -18.96 6.12
C SER A 5 20.16 -18.98 6.06
N MET A 6 19.01 -18.32 6.13
CA MET A 6 17.79 -19.02 6.51
C MET A 6 17.07 -19.50 5.24
N GLU A 7 16.51 -20.70 5.32
CA GLU A 7 15.70 -21.21 4.21
C GLU A 7 14.50 -20.34 3.90
N ARG A 8 14.16 -20.29 2.62
CA ARG A 8 12.99 -19.52 2.24
C ARG A 8 11.75 -19.96 2.99
N ALA A 9 11.54 -21.26 3.06
CA ALA A 9 10.33 -21.74 3.70
C ALA A 9 10.27 -21.39 5.18
N SER A 10 11.44 -21.38 5.81
CA SER A 10 11.54 -21.04 7.22
C SER A 10 11.25 -19.54 7.42
N LEU A 11 11.74 -18.72 6.51
CA LEU A 11 11.42 -17.28 6.55
C LEU A 11 9.91 -17.05 6.45
N ILE A 12 9.23 -17.75 5.52
N ILE A 12 9.24 -17.79 5.56
CA ILE A 12 7.79 -17.60 5.38
CA ILE A 12 7.81 -17.60 5.40
C ILE A 12 7.10 -18.09 6.63
C ILE A 12 7.06 -18.12 6.61
N GLN A 13 7.53 -19.24 7.17
CA GLN A 13 6.93 -19.78 8.39
C GLN A 13 7.09 -18.78 9.55
N LYS A 14 8.29 -18.20 9.66
CA LYS A 14 8.53 -17.25 10.74
C LYS A 14 7.77 -15.95 10.53
N ALA A 15 7.58 -15.51 9.28
CA ALA A 15 6.74 -14.34 9.03
C ALA A 15 5.32 -14.57 9.56
N LYS A 16 4.78 -15.80 9.38
CA LYS A 16 3.44 -16.09 9.85
C LYS A 16 3.42 -16.07 11.38
N LEU A 17 4.46 -16.60 12.00
CA LEU A 17 4.54 -16.61 13.47
C LEU A 17 4.64 -15.16 13.99
N ALA A 18 5.47 -14.35 13.33
CA ALA A 18 5.63 -12.96 13.73
C ALA A 18 4.29 -12.26 13.61
N GLU A 19 3.49 -12.53 12.57
CA GLU A 19 2.18 -11.91 12.43
C GLU A 19 1.32 -12.27 13.64
N GLN A 20 1.31 -13.56 14.02
CA GLN A 20 0.46 -14.01 15.13
C GLN A 20 0.86 -13.33 16.42
N ALA A 21 2.17 -13.06 16.56
CA ALA A 21 2.76 -12.42 17.73
C ALA A 21 2.71 -10.89 17.67
N GLU A 22 2.16 -10.33 16.58
CA GLU A 22 2.14 -8.89 16.35
C GLU A 22 3.54 -8.27 16.40
N ARG A 23 4.52 -9.00 15.85
CA ARG A 23 5.90 -8.55 15.75
C ARG A 23 6.15 -8.17 14.29
N TYR A 24 5.63 -7.01 13.91
CA TYR A 24 5.60 -6.64 12.49
C TYR A 24 6.97 -6.27 11.92
N GLU A 25 7.85 -5.65 12.73
CA GLU A 25 9.21 -5.41 12.31
C GLU A 25 9.90 -6.73 11.95
N ASP A 26 9.77 -7.73 12.83
CA ASP A 26 10.33 -9.04 12.51
C ASP A 26 9.69 -9.60 11.24
N MET A 27 8.38 -9.48 11.16
CA MET A 27 7.64 -10.05 10.03
C MET A 27 8.17 -9.44 8.72
N ALA A 28 8.39 -8.11 8.71
CA ALA A 28 8.91 -7.45 7.53
C ALA A 28 10.31 -7.93 7.20
N ALA A 29 11.15 -8.08 8.20
CA ALA A 29 12.51 -8.55 7.94
C ALA A 29 12.52 -9.98 7.38
N PHE A 30 11.64 -10.85 7.87
CA PHE A 30 11.52 -12.21 7.35
C PHE A 30 11.08 -12.15 5.90
N MET A 31 10.05 -11.33 5.60
CA MET A 31 9.58 -11.26 4.24
C MET A 31 10.58 -10.60 3.31
N LYS A 32 11.31 -9.58 3.75
CA LYS A 32 12.42 -9.04 2.94
C LYS A 32 13.41 -10.17 2.59
N GLY A 33 13.80 -10.96 3.62
CA GLY A 33 14.66 -12.07 3.35
C GLY A 33 14.10 -13.03 2.33
N ALA A 34 12.80 -13.36 2.42
CA ALA A 34 12.17 -14.25 1.46
C ALA A 34 12.22 -13.66 0.05
N VAL A 35 11.89 -12.37 -0.08
CA VAL A 35 11.96 -11.74 -1.40
C VAL A 35 13.37 -11.85 -1.95
N GLU A 36 14.37 -11.63 -1.11
CA GLU A 36 15.76 -11.60 -1.58
C GLU A 36 16.27 -12.98 -1.95
N LYS A 37 15.51 -14.05 -1.74
CA LYS A 37 15.84 -15.34 -2.32
C LYS A 37 15.74 -15.33 -3.83
N GLY A 38 15.00 -14.39 -4.40
CA GLY A 38 14.96 -14.19 -5.84
C GLY A 38 13.86 -14.96 -6.54
N GLU A 39 13.06 -15.77 -5.84
CA GLU A 39 11.90 -16.43 -6.42
C GLU A 39 10.69 -15.49 -6.36
N GLU A 40 9.80 -15.67 -7.34
CA GLU A 40 8.52 -14.97 -7.27
C GLU A 40 7.76 -15.37 -6.01
N LEU A 41 6.83 -14.51 -5.63
CA LEU A 41 6.01 -14.74 -4.46
C LEU A 41 4.61 -15.17 -4.81
N SER A 42 4.11 -16.07 -4.00
CA SER A 42 2.75 -16.49 -4.18
C SER A 42 1.78 -15.40 -3.73
N CSO A 43 0.48 -15.66 -3.90
N CSO A 43 0.47 -15.67 -3.91
CA CSO A 43 -0.52 -14.72 -3.45
CA CSO A 43 -0.52 -14.72 -3.45
CB CSO A 43 -1.88 -15.29 -3.88
CB CSO A 43 -1.89 -15.29 -3.85
SG CSO A 43 -3.26 -14.29 -3.36
SG CSO A 43 -3.25 -14.24 -3.42
C CSO A 43 -0.42 -14.55 -1.96
C CSO A 43 -0.41 -14.54 -1.97
O CSO A 43 -0.45 -13.41 -1.47
O CSO A 43 -0.45 -13.41 -1.48
OD CSO A 43 -3.56 -13.26 -4.70
OD CSO A 43 -3.69 -14.78 -1.83
N GLU A 44 -0.42 -15.64 -1.22
CA GLU A 44 -0.33 -15.56 0.21
C GLU A 44 0.95 -14.84 0.66
N GLU A 45 2.05 -15.15 0.02
CA GLU A 45 3.32 -14.52 0.36
C GLU A 45 3.29 -13.00 0.08
N ARG A 46 2.69 -12.62 -1.04
CA ARG A 46 2.58 -11.21 -1.34
C ARG A 46 1.79 -10.51 -0.23
N ASN A 47 0.75 -11.17 0.23
CA ASN A 47 -0.05 -10.56 1.26
C ASN A 47 0.76 -10.46 2.57
N LEU A 48 1.58 -11.46 2.87
CA LEU A 48 2.39 -11.36 4.07
C LEU A 48 3.37 -10.18 3.97
N LEU A 49 3.97 -10.00 2.80
CA LEU A 49 4.87 -8.89 2.57
C LEU A 49 4.16 -7.55 2.79
N SER A 50 2.97 -7.41 2.21
CA SER A 50 2.18 -6.21 2.33
C SER A 50 1.75 -5.95 3.77
N VAL A 51 1.23 -6.95 4.47
CA VAL A 51 0.78 -6.76 5.85
C VAL A 51 1.95 -6.30 6.73
N ALA A 52 3.12 -6.91 6.52
CA ALA A 52 4.25 -6.61 7.37
C ALA A 52 4.59 -5.13 7.23
N TYR A 53 4.89 -4.70 6.01
CA TYR A 53 5.37 -3.34 5.80
C TYR A 53 4.26 -2.32 6.07
N LYS A 54 2.99 -2.68 5.80
CA LYS A 54 1.92 -1.70 6.07
C LYS A 54 1.84 -1.42 7.55
N ASN A 55 2.01 -2.44 8.40
CA ASN A 55 1.98 -2.27 9.83
C ASN A 55 3.20 -1.49 10.32
N VAL A 56 4.39 -1.75 9.77
CA VAL A 56 5.57 -1.00 10.18
C VAL A 56 5.41 0.46 9.81
N VAL A 57 5.10 0.72 8.54
N VAL A 57 5.13 0.74 8.54
CA VAL A 57 5.05 2.11 8.10
CA VAL A 57 5.06 2.14 8.13
C VAL A 57 3.85 2.78 8.71
C VAL A 57 3.84 2.80 8.74
N GLY A 58 2.77 2.04 8.99
CA GLY A 58 1.59 2.63 9.58
C GLY A 58 1.90 3.21 10.95
N GLY A 59 2.68 2.48 11.77
CA GLY A 59 3.10 3.00 13.07
C GLY A 59 3.96 4.26 12.92
N GLN A 60 4.85 4.27 11.93
CA GLN A 60 5.74 5.40 11.69
C GLN A 60 4.90 6.60 11.29
N ARG A 61 3.96 6.39 10.38
CA ARG A 61 3.10 7.47 9.91
C ARG A 61 2.29 8.06 11.06
N ALA A 62 1.76 7.22 11.92
CA ALA A 62 0.97 7.71 13.04
C ALA A 62 1.87 8.52 13.95
N ALA A 63 3.08 8.05 14.20
CA ALA A 63 3.96 8.82 15.09
C ALA A 63 4.35 10.17 14.47
N TRP A 64 4.67 10.14 13.16
CA TRP A 64 5.01 11.33 12.42
C TRP A 64 3.88 12.37 12.54
N ARG A 65 2.64 11.90 12.42
CA ARG A 65 1.50 12.81 12.48
C ARG A 65 1.39 13.43 13.87
N VAL A 66 1.62 12.65 14.91
CA VAL A 66 1.55 13.20 16.26
C VAL A 66 2.64 14.26 16.39
N LEU A 67 3.87 13.95 15.98
CA LEU A 67 4.98 14.86 16.14
C LEU A 67 4.83 16.12 15.29
N SER A 68 4.36 15.95 14.05
N SER A 68 4.32 15.95 14.06
CA SER A 68 4.16 17.07 13.15
CA SER A 68 4.11 17.09 13.18
C SER A 68 3.12 18.02 13.76
C SER A 68 3.11 18.05 13.79
N SER A 69 2.08 17.48 14.41
CA SER A 69 1.02 18.30 15.01
C SER A 69 1.62 19.11 16.16
N ILE A 70 2.49 18.48 16.95
CA ILE A 70 3.11 19.16 18.10
C ILE A 70 4.01 20.29 17.56
N GLU A 71 4.73 19.99 16.49
CA GLU A 71 5.69 20.90 15.88
C GLU A 71 4.97 22.12 15.29
N GLN A 72 3.83 21.86 14.63
CA GLN A 72 2.97 22.91 14.08
C GLN A 72 2.52 23.84 15.19
N LYS A 73 2.09 23.31 16.34
CA LYS A 73 1.66 24.10 17.48
C LYS A 73 2.79 24.99 18.02
N SER A 74 4.04 24.50 18.01
CA SER A 74 5.19 25.25 18.51
C SER A 74 5.44 26.53 17.69
N GLY A 83 12.90 24.96 21.82
CA GLY A 83 14.22 24.45 21.36
C GLY A 83 14.07 23.57 20.12
N PRO A 84 15.16 22.92 19.66
CA PRO A 84 15.13 22.15 18.42
C PRO A 84 14.52 20.75 18.56
N GLU A 85 14.07 20.33 19.77
CA GLU A 85 13.87 18.91 20.03
C GLU A 85 12.69 18.33 19.24
N VAL A 86 11.57 19.04 19.12
CA VAL A 86 10.39 18.47 18.48
C VAL A 86 10.69 18.29 17.00
N ARG A 87 11.29 19.31 16.39
CA ARG A 87 11.72 19.21 14.98
C ARG A 87 12.74 18.09 14.80
N GLU A 88 13.74 17.98 15.71
CA GLU A 88 14.76 16.96 15.59
C GLU A 88 14.11 15.58 15.62
N TYR A 89 13.18 15.38 16.54
CA TYR A 89 12.61 14.05 16.68
C TYR A 89 11.67 13.72 15.53
N ARG A 90 10.92 14.72 15.08
CA ARG A 90 10.07 14.49 13.93
C ARG A 90 10.95 14.11 12.74
N GLU A 91 12.06 14.81 12.58
CA GLU A 91 13.00 14.48 11.52
C GLU A 91 13.55 13.06 11.66
N LYS A 92 13.81 12.59 12.88
CA LYS A 92 14.34 11.24 13.10
C LYS A 92 13.29 10.23 12.64
N VAL A 93 12.05 10.39 13.10
CA VAL A 93 10.98 9.48 12.71
C VAL A 93 10.77 9.54 11.21
N GLU A 94 10.79 10.76 10.63
CA GLU A 94 10.67 10.95 9.19
C GLU A 94 11.72 10.18 8.42
N THR A 95 12.98 10.25 8.86
CA THR A 95 14.06 9.60 8.16
C THR A 95 13.87 8.07 8.22
N GLU A 96 13.39 7.58 9.36
CA GLU A 96 13.19 6.16 9.55
C GLU A 96 12.05 5.66 8.64
N LEU A 97 10.99 6.48 8.58
CA LEU A 97 9.87 6.18 7.65
C LEU A 97 10.38 6.15 6.21
N GLN A 98 11.15 7.16 5.78
CA GLN A 98 11.67 7.20 4.42
C GLN A 98 12.49 5.96 4.14
N GLY A 99 13.28 5.55 5.15
CA GLY A 99 14.09 4.38 4.94
C GLY A 99 13.28 3.13 4.67
N VAL A 100 12.19 2.94 5.40
CA VAL A 100 11.32 1.79 5.22
C VAL A 100 10.67 1.87 3.83
N CYS A 101 10.17 3.05 3.46
CA CYS A 101 9.59 3.18 2.12
C CYS A 101 10.61 2.86 1.04
N ASP A 102 11.85 3.36 1.16
CA ASP A 102 12.89 3.08 0.18
C ASP A 102 13.22 1.60 0.12
N THR A 103 13.20 0.94 1.28
CA THR A 103 13.43 -0.51 1.30
C THR A 103 12.37 -1.26 0.51
N VAL A 104 11.09 -0.91 0.75
CA VAL A 104 10.01 -1.58 0.03
C VAL A 104 10.14 -1.29 -1.46
N LEU A 105 10.34 -0.02 -1.83
CA LEU A 105 10.42 0.33 -3.23
C LEU A 105 11.59 -0.41 -3.88
N GLY A 106 12.67 -0.56 -3.12
CA GLY A 106 13.80 -1.29 -3.64
C GLY A 106 13.51 -2.75 -3.92
N LEU A 107 12.73 -3.41 -3.05
CA LEU A 107 12.34 -4.78 -3.30
C LEU A 107 11.46 -4.83 -4.55
N LEU A 108 10.54 -3.88 -4.71
CA LEU A 108 9.68 -3.89 -5.88
C LEU A 108 10.52 -3.69 -7.12
N ASP A 109 11.57 -2.86 -7.07
CA ASP A 109 12.36 -2.58 -8.24
C ASP A 109 13.45 -3.63 -8.48
N SER A 110 13.74 -4.45 -7.47
N SER A 110 13.87 -4.36 -7.45
CA SER A 110 14.82 -5.43 -7.57
CA SER A 110 14.86 -5.41 -7.66
C SER A 110 14.39 -6.74 -6.90
C SER A 110 14.46 -6.66 -6.88
N HIS A 111 13.53 -7.55 -7.55
CA HIS A 111 13.09 -7.44 -8.93
C HIS A 111 11.66 -7.90 -9.06
N LEU A 112 10.83 -7.58 -8.03
CA LEU A 112 9.50 -8.15 -8.01
C LEU A 112 8.63 -7.71 -9.19
N ILE A 113 8.64 -6.42 -9.54
CA ILE A 113 7.75 -5.94 -10.57
C ILE A 113 8.18 -6.52 -11.93
N LYS A 114 9.47 -6.51 -12.23
CA LYS A 114 9.85 -6.94 -13.58
C LYS A 114 9.58 -8.42 -13.78
N GLU A 115 9.52 -9.24 -12.71
CA GLU A 115 9.26 -10.67 -12.87
C GLU A 115 7.78 -10.98 -12.80
N ALA A 116 6.94 -9.96 -12.52
CA ALA A 116 5.50 -10.18 -12.35
C ALA A 116 4.79 -10.03 -13.70
N GLY A 117 4.34 -11.16 -14.21
CA GLY A 117 3.66 -11.21 -15.50
C GLY A 117 2.15 -11.35 -15.40
N ASP A 118 1.67 -12.05 -14.37
CA ASP A 118 0.24 -12.21 -14.24
C ASP A 118 -0.36 -10.93 -13.71
N ALA A 119 -1.59 -10.61 -14.13
CA ALA A 119 -2.21 -9.38 -13.70
C ALA A 119 -2.31 -9.26 -12.18
N GLU A 120 -2.65 -10.34 -11.45
CA GLU A 120 -2.84 -10.31 -10.01
C GLU A 120 -1.54 -9.87 -9.35
N SER A 121 -0.41 -10.38 -9.82
N SER A 121 -0.41 -10.39 -9.82
CA SER A 121 0.83 -10.01 -9.16
CA SER A 121 0.87 -10.03 -9.20
C SER A 121 1.29 -8.60 -9.59
C SER A 121 1.29 -8.61 -9.59
N ARG A 122 1.24 -8.31 -10.88
CA ARG A 122 1.71 -7.02 -11.37
C ARG A 122 0.90 -5.85 -10.81
N VAL A 123 -0.44 -5.99 -10.76
CA VAL A 123 -1.27 -4.96 -10.16
C VAL A 123 -0.92 -4.82 -8.67
N PHE A 124 -0.80 -5.95 -7.94
CA PHE A 124 -0.47 -5.91 -6.52
C PHE A 124 0.80 -5.09 -6.30
N TYR A 125 1.85 -5.39 -7.07
CA TYR A 125 3.11 -4.72 -6.83
C TYR A 125 3.07 -3.26 -7.22
N LEU A 126 2.38 -2.93 -8.33
CA LEU A 126 2.29 -1.54 -8.72
C LEU A 126 1.44 -0.74 -7.72
N LYS A 127 0.37 -1.33 -7.20
CA LYS A 127 -0.34 -0.68 -6.09
C LYS A 127 0.60 -0.40 -4.91
N MET A 128 1.42 -1.37 -4.55
CA MET A 128 2.37 -1.18 -3.44
C MET A 128 3.32 -0.03 -3.78
N LYS A 129 3.80 0.01 -5.03
CA LYS A 129 4.70 1.06 -5.43
C LYS A 129 4.02 2.43 -5.26
N GLY A 130 2.79 2.54 -5.73
CA GLY A 130 2.03 3.78 -5.55
C GLY A 130 1.89 4.14 -4.06
N ASP A 131 1.54 3.17 -3.23
CA ASP A 131 1.30 3.38 -1.82
C ASP A 131 2.59 3.93 -1.17
N TYR A 132 3.75 3.30 -1.44
CA TYR A 132 4.97 3.71 -0.73
C TYR A 132 5.47 5.05 -1.25
N TYR A 133 5.23 5.38 -2.50
CA TYR A 133 5.56 6.75 -2.91
C TYR A 133 4.58 7.75 -2.26
N ARG A 134 3.34 7.31 -2.08
CA ARG A 134 2.37 8.15 -1.42
C ARG A 134 2.81 8.47 0.02
N TYR A 135 3.31 7.46 0.71
CA TYR A 135 3.79 7.71 2.07
C TYR A 135 4.98 8.65 2.03
N LEU A 136 5.88 8.49 1.05
CA LEU A 136 6.99 9.45 0.90
C LEU A 136 6.42 10.84 0.64
N ALA A 137 5.36 10.94 -0.17
CA ALA A 137 4.78 12.24 -0.50
C ALA A 137 4.20 12.93 0.73
N GLU A 138 3.61 12.17 1.67
CA GLU A 138 3.00 12.70 2.87
C GLU A 138 3.99 13.53 3.68
N VAL A 139 5.29 13.19 3.61
CA VAL A 139 6.30 13.88 4.43
C VAL A 139 7.21 14.77 3.59
N ALA A 140 7.00 14.82 2.27
CA ALA A 140 7.88 15.54 1.35
C ALA A 140 7.53 17.02 1.32
N THR A 141 8.62 17.81 1.19
CA THR A 141 8.65 19.27 1.17
C THR A 141 9.78 19.86 0.31
N GLY A 142 10.72 19.04 -0.19
CA GLY A 142 12.06 19.51 -0.54
C GLY A 142 12.29 19.82 -2.01
N ASP A 144 11.14 18.39 -4.42
CA ASP A 144 10.90 17.11 -5.15
C ASP A 144 9.69 16.39 -4.57
N LYS A 145 8.86 17.08 -3.77
CA LYS A 145 7.51 16.62 -3.55
C LYS A 145 6.87 16.31 -4.91
N LYS A 146 7.13 17.14 -5.92
CA LYS A 146 6.37 16.94 -7.16
C LYS A 146 6.76 15.66 -7.86
N ARG A 147 8.06 15.32 -7.88
CA ARG A 147 8.51 14.15 -8.60
C ARG A 147 8.00 12.94 -7.79
N ILE A 148 7.98 13.01 -6.45
CA ILE A 148 7.49 11.88 -5.64
C ILE A 148 6.01 11.64 -5.94
N ILE A 149 5.23 12.72 -5.98
CA ILE A 149 3.81 12.63 -6.27
C ILE A 149 3.61 12.04 -7.66
N ASP A 150 4.44 12.46 -8.64
CA ASP A 150 4.26 11.92 -9.97
C ASP A 150 4.61 10.44 -10.05
N SER A 151 5.62 10.01 -9.24
CA SER A 151 5.97 8.61 -9.17
C SER A 151 4.81 7.79 -8.61
N ALA A 152 4.11 8.30 -7.62
CA ALA A 152 2.98 7.57 -7.09
C ALA A 152 1.92 7.47 -8.14
N ARG A 153 1.58 8.61 -8.72
N ARG A 153 1.58 8.61 -8.72
CA ARG A 153 0.54 8.64 -9.74
CA ARG A 153 0.54 8.64 -9.74
C ARG A 153 0.80 7.66 -10.86
C ARG A 153 0.80 7.66 -10.86
N SER A 154 2.02 7.66 -11.38
CA SER A 154 2.35 6.78 -12.47
C SER A 154 2.21 5.30 -12.13
N ALA A 155 2.64 4.94 -10.94
CA ALA A 155 2.49 3.56 -10.53
C ALA A 155 1.01 3.17 -10.42
N TYR A 156 0.24 4.03 -9.75
CA TYR A 156 -1.19 3.76 -9.59
C TYR A 156 -1.86 3.70 -10.96
N GLN A 157 -1.47 4.58 -11.86
CA GLN A 157 -2.11 4.63 -13.19
C GLN A 157 -1.82 3.38 -13.98
N GLU A 158 -0.57 2.90 -13.96
CA GLU A 158 -0.24 1.66 -14.66
C GLU A 158 -1.04 0.50 -14.08
N ALA A 159 -1.12 0.42 -12.75
CA ALA A 159 -1.88 -0.60 -12.07
C ALA A 159 -3.35 -0.54 -12.50
N MET A 160 -3.91 0.67 -12.57
N MET A 160 -3.89 0.68 -12.54
CA MET A 160 -5.33 0.81 -12.88
CA MET A 160 -5.29 0.92 -12.91
C MET A 160 -5.57 0.39 -14.32
C MET A 160 -5.52 0.36 -14.30
N ASP A 161 -4.65 0.76 -15.23
CA ASP A 161 -4.85 0.39 -16.63
C ASP A 161 -4.86 -1.13 -16.77
N ILE A 162 -3.95 -1.85 -16.07
CA ILE A 162 -3.94 -3.31 -16.14
C ILE A 162 -5.22 -3.87 -15.53
N SER A 163 -5.60 -3.36 -14.37
CA SER A 163 -6.71 -3.91 -13.60
C SER A 163 -8.00 -3.82 -14.43
N LYS A 164 -8.18 -2.69 -15.11
CA LYS A 164 -9.41 -2.48 -15.86
C LYS A 164 -9.46 -3.42 -17.05
N LYS A 165 -8.31 -3.76 -17.63
CA LYS A 165 -8.24 -4.68 -18.77
C LYS A 165 -8.38 -6.15 -18.34
N GLU A 166 -7.81 -6.54 -17.18
CA GLU A 166 -7.53 -7.92 -16.85
C GLU A 166 -8.34 -8.49 -15.69
N MET A 167 -9.03 -7.66 -14.91
CA MET A 167 -9.69 -8.10 -13.69
C MET A 167 -11.14 -7.65 -13.67
N PRO A 168 -12.05 -8.45 -13.09
CA PRO A 168 -13.41 -7.99 -12.98
C PRO A 168 -13.51 -6.84 -11.99
N PRO A 169 -14.58 -6.05 -12.06
CA PRO A 169 -14.70 -4.88 -11.22
C PRO A 169 -14.84 -5.18 -9.74
N THR A 170 -15.13 -6.45 -9.36
CA THR A 170 -15.21 -6.82 -7.97
C THR A 170 -13.90 -7.40 -7.44
N ASN A 171 -12.88 -7.54 -8.29
CA ASN A 171 -11.66 -8.17 -7.81
C ASN A 171 -11.12 -7.39 -6.62
N PRO A 172 -10.85 -7.99 -5.42
CA PRO A 172 -10.38 -7.21 -4.28
C PRO A 172 -9.14 -6.36 -4.51
N ILE A 173 -8.17 -6.83 -5.28
CA ILE A 173 -6.99 -6.02 -5.53
C ILE A 173 -7.35 -4.82 -6.39
N ARG A 174 -8.17 -5.03 -7.41
CA ARG A 174 -8.66 -3.90 -8.19
C ARG A 174 -9.38 -2.90 -7.30
N LEU A 175 -10.28 -3.36 -6.41
CA LEU A 175 -10.98 -2.48 -5.50
C LEU A 175 -10.05 -1.71 -4.57
N GLY A 176 -9.11 -2.43 -3.96
CA GLY A 176 -8.17 -1.76 -3.04
C GLY A 176 -7.26 -0.76 -3.74
N LEU A 177 -6.86 -1.08 -4.97
CA LEU A 177 -6.10 -0.14 -5.76
C LEU A 177 -6.90 1.14 -5.98
N ALA A 178 -8.14 0.97 -6.44
CA ALA A 178 -8.96 2.15 -6.71
C ALA A 178 -9.21 2.96 -5.44
N LEU A 179 -9.53 2.29 -4.33
CA LEU A 179 -9.63 2.96 -3.04
C LEU A 179 -8.38 3.81 -2.75
N ASN A 180 -7.19 3.22 -2.85
CA ASN A 180 -5.99 3.95 -2.48
C ASN A 180 -5.62 5.03 -3.48
N PHE A 181 -5.91 4.81 -4.78
CA PHE A 181 -5.66 5.86 -5.76
C PHE A 181 -6.61 7.02 -5.49
N SER A 182 -7.86 6.74 -5.07
N SER A 182 -7.84 6.72 -5.07
CA SER A 182 -8.79 7.81 -4.72
CA SER A 182 -8.80 7.75 -4.73
C SER A 182 -8.27 8.59 -3.54
C SER A 182 -8.32 8.56 -3.53
N VAL A 183 -7.72 7.91 -2.54
CA VAL A 183 -7.12 8.60 -1.39
C VAL A 183 -5.95 9.47 -1.85
N PHE A 184 -5.12 8.96 -2.74
CA PHE A 184 -4.02 9.70 -3.35
C PHE A 184 -4.57 10.98 -3.96
N HIS A 185 -5.66 10.89 -4.75
CA HIS A 185 -6.17 12.10 -5.35
C HIS A 185 -6.65 13.08 -4.29
N TYR A 186 -7.35 12.62 -3.27
CA TYR A 186 -7.97 13.51 -2.30
C TYR A 186 -6.92 14.19 -1.40
N GLU A 187 -5.98 13.39 -0.93
CA GLU A 187 -5.08 13.82 0.15
C GLU A 187 -3.74 14.35 -0.36
N ILE A 188 -3.26 13.86 -1.50
CA ILE A 188 -1.94 14.17 -2.01
C ILE A 188 -1.98 15.11 -3.19
N ALA A 189 -2.86 14.80 -4.18
CA ALA A 189 -2.88 15.52 -5.45
C ALA A 189 -3.82 16.73 -5.39
N ASN A 190 -4.52 16.95 -4.28
CA ASN A 190 -5.42 18.09 -4.15
C ASN A 190 -6.45 18.05 -5.28
N SER A 191 -6.96 16.84 -5.55
CA SER A 191 -7.93 16.58 -6.61
C SER A 191 -9.16 15.90 -6.02
N PRO A 192 -9.91 16.53 -5.09
CA PRO A 192 -11.03 15.88 -4.42
C PRO A 192 -12.11 15.45 -5.42
N GLU A 193 -12.34 16.19 -6.48
CA GLU A 193 -13.36 15.75 -7.43
C GLU A 193 -12.97 14.46 -8.12
N GLU A 194 -11.70 14.30 -8.51
CA GLU A 194 -11.21 13.07 -9.11
C GLU A 194 -11.35 11.91 -8.11
N ALA A 195 -11.04 12.18 -6.85
CA ALA A 195 -11.15 11.19 -5.79
C ALA A 195 -12.58 10.68 -5.68
N ILE A 196 -13.52 11.60 -5.62
CA ILE A 196 -14.93 11.24 -5.46
C ILE A 196 -15.42 10.50 -6.73
N SER A 197 -15.06 10.97 -7.92
N SER A 197 -15.08 11.01 -7.92
CA SER A 197 -15.48 10.34 -9.17
CA SER A 197 -15.45 10.36 -9.16
C SER A 197 -14.93 8.91 -9.30
C SER A 197 -14.99 8.91 -9.14
N LEU A 198 -13.69 8.73 -8.83
CA LEU A 198 -13.10 7.42 -8.90
C LEU A 198 -13.79 6.48 -7.90
N ALA A 199 -14.03 6.95 -6.69
CA ALA A 199 -14.63 6.10 -5.68
C ALA A 199 -16.04 5.70 -6.12
N LYS A 200 -16.80 6.65 -6.68
CA LYS A 200 -18.19 6.41 -7.07
C LYS A 200 -18.24 5.43 -8.24
N THR A 201 -17.48 5.66 -9.30
CA THR A 201 -17.47 4.74 -10.45
C THR A 201 -17.03 3.35 -10.01
N THR A 202 -16.01 3.28 -9.16
CA THR A 202 -15.52 1.98 -8.73
C THR A 202 -16.62 1.24 -7.99
N PHE A 203 -17.28 1.94 -7.07
CA PHE A 203 -18.33 1.35 -6.24
C PHE A 203 -19.47 0.83 -7.13
N ASP A 204 -19.91 1.67 -8.06
CA ASP A 204 -21.08 1.35 -8.87
C ASP A 204 -20.77 0.17 -9.81
N GLU A 205 -19.57 0.10 -10.38
CA GLU A 205 -19.23 -0.96 -11.30
C GLU A 205 -19.08 -2.26 -10.52
N ALA A 206 -18.58 -2.18 -9.29
CA ALA A 206 -18.49 -3.38 -8.47
C ALA A 206 -19.90 -3.88 -8.14
N MET A 207 -20.78 -2.98 -7.70
CA MET A 207 -22.14 -3.33 -7.32
C MET A 207 -22.81 -4.15 -8.43
N ALA A 208 -22.61 -3.72 -9.67
CA ALA A 208 -23.25 -4.35 -10.83
C ALA A 208 -22.69 -5.72 -11.14
N ASP A 209 -21.53 -6.08 -10.56
CA ASP A 209 -20.87 -7.34 -10.83
C ASP A 209 -21.00 -8.32 -9.65
N LEU A 210 -21.58 -7.91 -8.52
CA LEU A 210 -21.71 -8.78 -7.35
C LEU A 210 -22.51 -10.04 -7.67
N HIS A 211 -23.44 -9.97 -8.63
CA HIS A 211 -24.32 -11.11 -8.91
C HIS A 211 -23.54 -12.33 -9.39
N THR A 212 -22.28 -12.13 -9.83
CA THR A 212 -21.49 -13.20 -10.41
C THR A 212 -20.74 -13.99 -9.36
N LEU A 213 -20.73 -13.50 -8.12
CA LEU A 213 -19.88 -14.01 -7.08
C LEU A 213 -20.53 -15.08 -6.21
N SER A 214 -19.66 -15.94 -5.69
CA SER A 214 -19.96 -16.78 -4.56
C SER A 214 -20.14 -15.98 -3.28
N GLU A 215 -20.68 -16.63 -2.23
CA GLU A 215 -20.93 -15.99 -0.95
C GLU A 215 -19.63 -15.45 -0.38
N ASP A 216 -18.54 -16.24 -0.50
CA ASP A 216 -17.29 -15.85 0.09
C ASP A 216 -16.66 -14.68 -0.68
N SER A 217 -16.72 -14.74 -2.02
CA SER A 217 -16.18 -13.66 -2.84
C SER A 217 -17.00 -12.38 -2.63
N TYR A 218 -18.29 -12.55 -2.49
CA TYR A 218 -19.15 -11.43 -2.21
C TYR A 218 -18.76 -10.72 -0.92
N LYS A 219 -18.47 -11.50 0.13
CA LYS A 219 -18.05 -10.90 1.39
C LYS A 219 -16.75 -10.11 1.22
N ASP A 220 -15.80 -10.68 0.48
CA ASP A 220 -14.51 -10.03 0.25
C ASP A 220 -14.71 -8.70 -0.48
N SER A 221 -15.48 -8.71 -1.57
CA SER A 221 -15.65 -7.49 -2.36
C SER A 221 -16.45 -6.44 -1.59
N THR A 222 -17.56 -6.83 -0.95
CA THR A 222 -18.38 -5.86 -0.27
C THR A 222 -17.64 -5.21 0.89
N LEU A 223 -16.69 -5.91 1.53
CA LEU A 223 -15.93 -5.27 2.60
C LEU A 223 -15.19 -4.03 2.06
N ILE A 224 -14.56 -4.16 0.89
CA ILE A 224 -13.75 -3.07 0.37
C ILE A 224 -14.67 -2.00 -0.20
N MET A 225 -15.80 -2.44 -0.79
CA MET A 225 -16.77 -1.46 -1.23
C MET A 225 -17.22 -0.55 -0.07
N GLN A 226 -17.35 -1.12 1.14
CA GLN A 226 -17.80 -0.33 2.26
C GLN A 226 -16.76 0.75 2.60
N LEU A 227 -15.47 0.46 2.36
CA LEU A 227 -14.45 1.50 2.57
C LEU A 227 -14.62 2.64 1.55
N LEU A 228 -14.90 2.31 0.26
CA LEU A 228 -15.20 3.32 -0.73
C LEU A 228 -16.37 4.17 -0.27
N ARG A 229 -17.40 3.51 0.23
CA ARG A 229 -18.56 4.24 0.70
C ARG A 229 -18.26 5.13 1.90
N ASP A 230 -17.47 4.61 2.82
CA ASP A 230 -17.09 5.39 3.99
C ASP A 230 -16.39 6.67 3.55
N ASN A 231 -15.51 6.57 2.53
CA ASN A 231 -14.83 7.76 2.04
C ASN A 231 -15.83 8.71 1.37
N LEU A 232 -16.70 8.20 0.50
CA LEU A 232 -17.66 9.06 -0.14
C LEU A 232 -18.53 9.76 0.88
N THR A 233 -18.85 9.08 1.99
CA THR A 233 -19.63 9.69 3.08
C THR A 233 -18.86 10.83 3.75
N LEU A 234 -17.54 10.66 3.94
CA LEU A 234 -16.70 11.66 4.54
C LEU A 234 -16.54 12.84 3.60
N TRP A 235 -16.54 12.59 2.28
CA TRP A 235 -16.13 13.59 1.30
C TRP A 235 -17.29 14.38 0.71
N THR A 236 -18.55 13.96 0.95
CA THR A 236 -19.71 14.54 0.28
C THR A 236 -20.88 14.73 1.26
N ARG B 9 -9.09 11.97 8.28
CA ARG B 9 -8.25 10.93 7.60
C ARG B 9 -9.20 9.93 6.94
N PRO B 10 -9.11 9.76 5.60
CA PRO B 10 -9.93 8.75 4.91
C PRO B 10 -9.33 7.35 5.04
N SER B 11 -10.14 6.34 4.70
CA SER B 11 -9.72 4.96 4.77
C SER B 11 -8.95 4.61 3.51
N SEP B 12 -7.71 4.15 3.65
CA SEP B 12 -7.07 3.40 2.59
CB SEP B 12 -5.62 3.78 2.46
OG SEP B 12 -4.99 3.49 3.71
C SEP B 12 -7.27 1.93 2.89
O SEP B 12 -7.86 1.58 3.93
P SEP B 12 -3.47 4.01 3.84
O1P SEP B 12 -3.48 5.54 3.78
O2P SEP B 12 -3.16 3.46 5.26
O3P SEP B 12 -2.66 3.29 2.78
N TRP B 13 -6.79 1.05 2.00
CA TRP B 13 -7.08 -0.34 2.16
C TRP B 13 -6.51 -0.80 3.50
N ARG B 14 -7.24 -1.61 4.22
CA ARG B 14 -6.71 -2.16 5.46
C ARG B 14 -7.25 -3.56 5.63
C1 T85 C . -4.55 -3.98 -1.55
C10 T85 C . -5.40 -10.20 -1.63
C11 T85 C . -4.56 -10.71 -2.61
C12 T85 C . -5.11 -11.33 -3.71
C13 T85 C . -6.47 -11.45 -3.85
C14 T85 C . -7.31 -10.94 -2.88
C15 T85 C . -5.65 -7.30 -0.21
C16 T85 C . -4.87 -6.20 -0.52
C2 T85 C . -5.40 -5.14 -1.26
C3 T85 C . -6.73 -5.20 -1.67
C4 T85 C . -7.50 -6.30 -1.37
C5 T85 C . -6.97 -7.35 -0.65
C6 T85 C . -8.89 -8.44 0.55
C7 T85 C . -9.42 -9.68 0.57
C8 T85 C . -7.73 -9.78 -0.77
C9 T85 C . -6.78 -10.30 -1.75
I1 T85 C . -2.87 -6.08 0.12
N1 T85 C . -7.80 -8.49 -0.31
N2 T85 C . -8.72 -10.52 -0.26
MG MG D . 17.07 -23.38 -0.02
MG MG E . 6.91 -14.25 -13.78
#